data_7MT1
#
_entry.id   7MT1
#
_cell.length_a   36.728
_cell.length_b   68.572
_cell.length_c   69.549
_cell.angle_alpha   90.000
_cell.angle_beta   101.280
_cell.angle_gamma   90.000
#
_symmetry.space_group_name_H-M   'P 1 21 1'
#
loop_
_entity.id
_entity.type
_entity.pdbx_description
1 polymer 'Platelet-activating factor acetylhydrolase IB subunit beta'
2 non-polymer GLYCEROL
3 non-polymer 'UNKNOWN ATOM OR ION'
4 water water
#
_entity_poly.entity_id   1
_entity_poly.type   'polypeptide(L)'
_entity_poly.pdbx_seq_one_letter_code
;MHHHHHHSSGRENLYFQGGQKRDPKEWIPRPPEKYALSGHRSPVTRVIFHPVFSVMVSASEDATIKVWDYETGDFERTLK
GHTDSVQDISFDHSGKLLASCSADMTIKLWDFQGFECIRTMHGHDHNVSSVAIMPNGDHIVSASRDKTIKMWEVQTGYCV
KTFTGHREWVRMVRPNQDGTLIASCSNDQTVRVWVVATKECKAELREHEHVVECISWAPESSYSSISEATGSETKKSGKP
GPFLLSGSRDKTIKMWDVSTGMCLMTLVGHDNWVRGVLFHSGGKFILSCADDKTLRVWDYKNKRCMKTLNAHEHFVTSLD
FHKTAPYVVTGSVDQTVKVWECR
;
_entity_poly.pdbx_strand_id   A
#
loop_
_chem_comp.id
_chem_comp.type
_chem_comp.name
_chem_comp.formula
GOL non-polymer GLYCEROL 'C3 H8 O3'
UNX non-polymer 'UNKNOWN ATOM OR ION' ?
#
# COMPACT_ATOMS: atom_id res chain seq x y z
C ASP A 23 13.31 -14.04 -13.13
N PRO A 24 13.97 -13.67 -12.02
CA PRO A 24 13.33 -12.89 -10.95
C PRO A 24 12.79 -11.51 -11.39
N LYS A 25 13.31 -10.94 -12.49
CA LYS A 25 12.89 -9.60 -13.01
C LYS A 25 11.77 -9.73 -14.04
N GLU A 26 11.45 -10.95 -14.49
CA GLU A 26 10.46 -11.19 -15.56
C GLU A 26 9.22 -11.90 -15.01
N TRP A 27 9.26 -12.48 -13.80
CA TRP A 27 8.16 -13.39 -13.37
C TRP A 27 6.92 -12.58 -13.01
N ILE A 28 5.77 -13.08 -13.43
CA ILE A 28 4.46 -12.39 -13.20
C ILE A 28 3.48 -13.41 -12.66
N PRO A 29 2.47 -12.94 -11.89
CA PRO A 29 1.50 -13.86 -11.29
C PRO A 29 0.69 -14.58 -12.37
N ARG A 30 0.43 -15.86 -12.14
CA ARG A 30 -0.28 -16.75 -13.09
C ARG A 30 -1.45 -17.38 -12.34
N PRO A 31 -2.64 -17.48 -12.96
CA PRO A 31 -3.76 -18.21 -12.36
C PRO A 31 -3.54 -19.72 -12.56
N PRO A 32 -4.20 -20.59 -11.76
CA PRO A 32 -5.05 -20.17 -10.65
C PRO A 32 -4.21 -19.83 -9.41
N GLU A 33 -4.82 -19.13 -8.46
CA GLU A 33 -4.14 -18.81 -7.18
C GLU A 33 -3.60 -20.09 -6.56
N LYS A 34 -2.42 -19.98 -5.96
CA LYS A 34 -1.84 -21.07 -5.16
C LYS A 34 -2.73 -21.29 -3.93
N TYR A 35 -3.07 -20.22 -3.22
CA TYR A 35 -3.90 -20.29 -1.99
C TYR A 35 -5.00 -19.24 -2.04
N ALA A 36 -6.16 -19.62 -1.55
CA ALA A 36 -7.24 -18.71 -1.14
C ALA A 36 -7.49 -18.96 0.33
N LEU A 37 -7.17 -18.01 1.19
CA LEU A 37 -7.16 -18.21 2.66
C LEU A 37 -8.34 -17.46 3.28
N SER A 38 -9.18 -18.21 3.98
CA SER A 38 -10.41 -17.73 4.63
C SER A 38 -10.19 -17.65 6.13
N GLY A 39 -10.96 -16.80 6.78
CA GLY A 39 -10.93 -16.65 8.24
C GLY A 39 -11.42 -15.28 8.65
N HIS A 40 -11.10 -14.23 7.89
CA HIS A 40 -11.67 -12.90 8.18
C HIS A 40 -13.18 -12.95 8.03
N ARG A 41 -13.88 -12.15 8.83
CA ARG A 41 -15.37 -12.15 8.91
C ARG A 41 -15.94 -10.92 8.19
N SER A 42 -15.07 -10.09 7.62
CA SER A 42 -15.43 -8.84 6.91
C SER A 42 -14.39 -8.63 5.83
N PRO A 43 -14.59 -7.67 4.90
CA PRO A 43 -13.59 -7.38 3.89
C PRO A 43 -12.16 -7.25 4.43
N VAL A 44 -11.24 -7.76 3.63
CA VAL A 44 -9.79 -7.55 3.81
C VAL A 44 -9.44 -6.20 3.20
N THR A 45 -8.75 -5.36 3.93
CA THR A 45 -8.42 -3.96 3.53
C THR A 45 -6.98 -3.82 3.05
N ARG A 46 -6.10 -4.71 3.49
CA ARG A 46 -4.66 -4.56 3.20
C ARG A 46 -3.96 -5.90 3.38
N VAL A 47 -2.98 -6.16 2.53
CA VAL A 47 -2.13 -7.37 2.59
C VAL A 47 -0.67 -6.95 2.40
N ILE A 48 0.21 -7.44 3.26
CA ILE A 48 1.67 -7.16 3.15
C ILE A 48 2.48 -8.41 3.44
N PHE A 49 3.63 -8.50 2.81
CA PHE A 49 4.63 -9.53 3.13
C PHE A 49 5.52 -9.07 4.29
N HIS A 50 5.89 -10.02 5.14
CA HIS A 50 6.98 -9.80 6.11
C HIS A 50 8.26 -9.56 5.32
N PRO A 51 9.19 -8.70 5.79
CA PRO A 51 10.43 -8.48 5.05
C PRO A 51 11.40 -9.67 5.04
N VAL A 52 11.24 -10.65 5.93
CA VAL A 52 12.23 -11.77 6.03
C VAL A 52 11.55 -13.14 6.10
N PHE A 53 10.55 -13.31 6.96
CA PHE A 53 9.92 -14.62 7.20
C PHE A 53 8.96 -14.95 6.06
N SER A 54 8.63 -16.22 5.90
CA SER A 54 7.66 -16.70 4.88
C SER A 54 6.23 -16.43 5.33
N VAL A 55 5.96 -15.27 5.92
CA VAL A 55 4.58 -14.94 6.36
C VAL A 55 4.14 -13.65 5.68
N MET A 56 2.83 -13.51 5.55
N MET A 56 2.82 -13.52 5.61
CA MET A 56 2.18 -12.24 5.16
CA MET A 56 2.10 -12.33 5.14
C MET A 56 1.08 -11.95 6.18
C MET A 56 1.08 -11.94 6.21
N VAL A 57 0.63 -10.70 6.17
CA VAL A 57 -0.29 -10.15 7.19
C VAL A 57 -1.43 -9.47 6.46
N SER A 58 -2.63 -9.73 6.95
CA SER A 58 -3.86 -9.11 6.42
C SER A 58 -4.51 -8.26 7.50
N ALA A 59 -5.10 -7.15 7.07
CA ALA A 59 -5.96 -6.31 7.92
C ALA A 59 -7.39 -6.41 7.42
N SER A 60 -8.36 -6.24 8.31
CA SER A 60 -9.78 -6.43 7.95
C SER A 60 -10.70 -5.43 8.62
N GLU A 61 -11.83 -5.20 7.97
CA GLU A 61 -12.97 -4.47 8.56
C GLU A 61 -13.53 -5.23 9.77
N ASP A 62 -13.14 -6.49 10.00
CA ASP A 62 -13.59 -7.25 11.20
C ASP A 62 -12.79 -6.83 12.44
N ALA A 63 -11.92 -5.82 12.33
CA ALA A 63 -11.17 -5.20 13.45
C ALA A 63 -9.95 -6.04 13.83
N THR A 64 -9.61 -7.05 13.03
CA THR A 64 -8.47 -7.95 13.33
C THR A 64 -7.39 -7.86 12.25
N ILE A 65 -6.21 -8.31 12.65
CA ILE A 65 -5.01 -8.51 11.79
C ILE A 65 -4.71 -10.00 11.85
N LYS A 66 -4.52 -10.67 10.72
CA LYS A 66 -4.18 -12.11 10.69
C LYS A 66 -2.84 -12.34 10.02
N VAL A 67 -2.14 -13.34 10.52
CA VAL A 67 -0.81 -13.77 10.04
C VAL A 67 -0.93 -15.14 9.42
N TRP A 68 -0.36 -15.31 8.23
CA TRP A 68 -0.45 -16.54 7.44
C TRP A 68 0.93 -16.87 6.87
N ASP A 69 1.25 -18.14 6.72
CA ASP A 69 2.47 -18.58 5.98
C ASP A 69 2.10 -18.67 4.50
N TYR A 70 2.72 -17.88 3.63
CA TYR A 70 2.35 -17.83 2.19
C TYR A 70 2.96 -19.01 1.42
N GLU A 71 3.92 -19.73 2.01
CA GLU A 71 4.49 -20.95 1.38
C GLU A 71 3.57 -22.15 1.62
N THR A 72 3.04 -22.32 2.85
CA THR A 72 2.26 -23.53 3.26
C THR A 72 0.75 -23.25 3.31
N GLY A 73 0.33 -21.99 3.36
CA GLY A 73 -1.09 -21.59 3.49
C GLY A 73 -1.59 -21.73 4.92
N ASP A 74 -0.71 -22.01 5.87
CA ASP A 74 -1.08 -22.19 7.30
C ASP A 74 -1.48 -20.84 7.90
N PHE A 75 -2.61 -20.79 8.58
CA PHE A 75 -3.00 -19.66 9.47
C PHE A 75 -2.14 -19.74 10.72
N GLU A 76 -1.55 -18.62 11.15
CA GLU A 76 -0.67 -18.60 12.34
C GLU A 76 -1.37 -17.97 13.53
N ARG A 77 -1.92 -16.75 13.40
CA ARG A 77 -2.54 -16.08 14.57
C ARG A 77 -3.32 -14.83 14.17
N THR A 78 -4.13 -14.36 15.10
CA THR A 78 -4.91 -13.12 15.00
C THR A 78 -4.39 -12.13 16.04
N LEU A 79 -4.16 -10.88 15.64
CA LEU A 79 -3.86 -9.77 16.56
C LEU A 79 -5.16 -8.99 16.78
N LYS A 80 -5.70 -9.07 17.99
CA LYS A 80 -6.97 -8.42 18.39
C LYS A 80 -6.64 -7.20 19.25
N GLY A 81 -7.41 -6.13 19.11
CA GLY A 81 -7.33 -4.98 20.02
C GLY A 81 -7.96 -3.74 19.44
N HIS A 82 -7.90 -3.53 18.13
CA HIS A 82 -8.67 -2.40 17.53
C HIS A 82 -10.16 -2.64 17.81
N THR A 83 -10.93 -1.56 17.90
CA THR A 83 -12.37 -1.63 18.22
C THR A 83 -13.20 -1.29 16.97
N ASP A 84 -12.56 -1.17 15.81
CA ASP A 84 -13.25 -0.94 14.52
C ASP A 84 -12.27 -1.38 13.43
N SER A 85 -12.70 -1.22 12.17
N SER A 85 -12.73 -1.32 12.18
CA SER A 85 -11.97 -1.64 10.95
CA SER A 85 -12.02 -1.75 10.96
C SER A 85 -10.49 -1.31 11.06
C SER A 85 -10.56 -1.33 10.99
N VAL A 86 -9.66 -2.28 10.71
CA VAL A 86 -8.20 -2.05 10.54
C VAL A 86 -8.00 -1.71 9.06
N GLN A 87 -7.45 -0.53 8.77
CA GLN A 87 -7.43 0.04 7.40
C GLN A 87 -6.09 -0.19 6.72
N ASP A 88 -5.01 -0.29 7.48
CA ASP A 88 -3.65 -0.37 6.91
C ASP A 88 -2.71 -0.97 7.94
N ILE A 89 -1.59 -1.46 7.46
CA ILE A 89 -0.57 -2.18 8.27
C ILE A 89 0.77 -1.96 7.61
N SER A 90 1.82 -1.90 8.42
CA SER A 90 3.17 -1.62 7.91
C SER A 90 4.22 -2.24 8.82
N PHE A 91 5.19 -2.94 8.26
CA PHE A 91 6.34 -3.47 9.03
C PHE A 91 7.45 -2.43 9.09
N ASP A 92 8.22 -2.48 10.16
CA ASP A 92 9.51 -1.75 10.21
C ASP A 92 10.56 -2.55 9.42
N HIS A 93 11.75 -1.99 9.28
CA HIS A 93 12.86 -2.58 8.52
C HIS A 93 13.18 -3.98 9.05
N SER A 94 13.22 -4.07 10.38
CA SER A 94 13.68 -5.25 11.15
C SER A 94 12.65 -6.37 11.03
N GLY A 95 11.38 -6.04 10.77
CA GLY A 95 10.26 -7.00 10.84
C GLY A 95 9.84 -7.35 12.25
N LYS A 96 10.39 -6.70 13.28
N LYS A 96 10.44 -6.67 13.25
CA LYS A 96 10.00 -6.99 14.68
CA LYS A 96 10.16 -6.85 14.70
C LYS A 96 8.88 -6.06 15.15
C LYS A 96 8.88 -6.10 15.08
N LEU A 97 8.56 -5.02 14.37
CA LEU A 97 7.44 -4.11 14.70
C LEU A 97 6.43 -4.07 13.55
N LEU A 98 5.16 -4.07 13.90
CA LEU A 98 4.04 -3.87 12.94
C LEU A 98 3.22 -2.69 13.44
N ALA A 99 2.98 -1.71 12.58
CA ALA A 99 2.03 -0.61 12.85
C ALA A 99 0.72 -0.93 12.15
N SER A 100 -0.39 -0.62 12.79
CA SER A 100 -1.74 -0.74 12.20
C SER A 100 -2.52 0.55 12.46
N CYS A 101 -3.55 0.79 11.69
CA CYS A 101 -4.40 1.98 11.97
C CYS A 101 -5.84 1.60 11.68
N SER A 102 -6.77 2.39 12.21
CA SER A 102 -8.16 1.92 12.33
C SER A 102 -9.18 3.06 12.24
N ALA A 103 -10.39 2.66 11.88
CA ALA A 103 -11.61 3.49 11.99
C ALA A 103 -11.83 3.88 13.46
N ASP A 104 -11.19 3.20 14.42
CA ASP A 104 -11.30 3.55 15.86
C ASP A 104 -10.46 4.81 16.14
N MET A 105 -9.80 5.37 15.10
CA MET A 105 -9.08 6.68 15.12
C MET A 105 -7.70 6.52 15.76
N THR A 106 -7.25 5.29 16.00
CA THR A 106 -5.92 5.04 16.60
C THR A 106 -4.94 4.39 15.62
N ILE A 107 -3.67 4.56 15.93
CA ILE A 107 -2.54 3.74 15.40
C ILE A 107 -2.09 2.82 16.53
N LYS A 108 -1.88 1.55 16.25
CA LYS A 108 -1.28 0.63 17.25
C LYS A 108 0.09 0.18 16.74
N LEU A 109 1.03 0.06 17.65
CA LEU A 109 2.36 -0.55 17.41
C LEU A 109 2.35 -1.91 18.09
N TRP A 110 2.66 -2.96 17.34
CA TRP A 110 2.63 -4.36 17.80
C TRP A 110 4.06 -4.87 17.85
N ASP A 111 4.40 -5.56 18.93
CA ASP A 111 5.59 -6.43 19.02
C ASP A 111 5.29 -7.66 18.18
N PHE A 112 5.96 -7.81 17.04
CA PHE A 112 5.68 -8.92 16.10
C PHE A 112 6.51 -10.16 16.48
N GLN A 113 7.16 -10.17 17.64
CA GLN A 113 7.81 -11.37 18.21
C GLN A 113 6.88 -11.99 19.25
N GLY A 114 6.42 -11.17 20.20
CA GLY A 114 5.52 -11.60 21.28
C GLY A 114 4.05 -11.46 20.93
N PHE A 115 3.74 -10.78 19.82
CA PHE A 115 2.37 -10.60 19.27
C PHE A 115 1.49 -9.93 20.33
N GLU A 116 1.98 -8.80 20.83
CA GLU A 116 1.27 -7.97 21.83
CA GLU A 116 1.29 -7.96 21.85
C GLU A 116 1.29 -6.51 21.37
N CYS A 117 0.24 -5.77 21.69
CA CYS A 117 0.16 -4.33 21.41
C CYS A 117 1.12 -3.61 22.37
N ILE A 118 2.13 -2.93 21.85
CA ILE A 118 3.14 -2.13 22.62
C ILE A 118 2.52 -0.79 23.01
N ARG A 119 1.84 -0.10 22.09
N ARG A 119 1.86 -0.10 22.08
CA ARG A 119 1.23 1.20 22.43
CA ARG A 119 1.35 1.28 22.29
C ARG A 119 0.20 1.62 21.39
C ARG A 119 0.15 1.57 21.38
N THR A 120 -0.80 2.37 21.86
CA THR A 120 -1.94 2.90 21.10
C THR A 120 -1.75 4.41 21.04
N MET A 121 -1.78 4.97 19.84
CA MET A 121 -1.45 6.39 19.59
C MET A 121 -2.74 7.12 19.20
N HIS A 122 -3.04 8.16 19.96
CA HIS A 122 -4.26 8.99 19.83
C HIS A 122 -3.86 10.37 19.32
N GLY A 123 -4.68 10.96 18.48
CA GLY A 123 -4.48 12.34 18.01
C GLY A 123 -5.34 12.66 16.81
N HIS A 124 -5.56 11.71 15.90
CA HIS A 124 -6.45 11.92 14.74
C HIS A 124 -7.88 12.10 15.24
N ASP A 125 -8.68 12.84 14.49
CA ASP A 125 -10.08 13.21 14.87
C ASP A 125 -11.08 12.46 14.00
N HIS A 126 -10.62 11.53 13.17
CA HIS A 126 -11.50 10.68 12.33
C HIS A 126 -10.72 9.43 11.91
N ASN A 127 -11.40 8.53 11.22
CA ASN A 127 -10.86 7.31 10.57
C ASN A 127 -9.40 7.51 10.17
N VAL A 128 -8.50 6.65 10.64
CA VAL A 128 -7.09 6.62 10.15
C VAL A 128 -7.02 5.58 9.02
N SER A 129 -6.87 6.07 7.80
CA SER A 129 -6.97 5.26 6.56
C SER A 129 -5.63 4.63 6.18
N SER A 130 -4.51 5.16 6.64
CA SER A 130 -3.18 4.76 6.12
C SER A 130 -2.12 4.91 7.19
N VAL A 131 -1.16 4.02 7.19
CA VAL A 131 -0.01 4.07 8.13
C VAL A 131 1.20 3.50 7.41
N ALA A 132 2.38 4.02 7.75
CA ALA A 132 3.64 3.44 7.25
C ALA A 132 4.72 3.71 8.30
N ILE A 133 5.48 2.69 8.65
CA ILE A 133 6.69 2.93 9.48
C ILE A 133 7.76 3.49 8.53
N MET A 134 8.36 4.61 8.92
CA MET A 134 9.37 5.28 8.06
C MET A 134 10.60 4.38 7.95
N PRO A 135 11.37 4.44 6.84
CA PRO A 135 12.42 3.45 6.58
C PRO A 135 13.45 3.25 7.70
N ASN A 136 13.87 4.32 8.38
CA ASN A 136 14.89 4.19 9.46
C ASN A 136 14.27 3.53 10.70
N GLY A 137 12.95 3.50 10.82
CA GLY A 137 12.25 2.74 11.88
C GLY A 137 12.04 3.54 13.15
N ASP A 138 12.31 4.85 13.16
CA ASP A 138 12.22 5.68 14.39
C ASP A 138 10.89 6.44 14.42
N HIS A 139 10.16 6.52 13.30
CA HIS A 139 8.88 7.27 13.20
C HIS A 139 7.85 6.49 12.38
N ILE A 140 6.58 6.82 12.59
CA ILE A 140 5.40 6.30 11.86
C ILE A 140 4.71 7.49 11.20
N VAL A 141 4.26 7.35 9.95
CA VAL A 141 3.42 8.38 9.29
C VAL A 141 2.02 7.80 9.10
N SER A 142 0.99 8.63 9.28
CA SER A 142 -0.42 8.21 9.19
C SER A 142 -1.21 9.24 8.40
N ALA A 143 -2.31 8.81 7.80
CA ALA A 143 -3.20 9.71 7.04
C ALA A 143 -4.64 9.43 7.45
N SER A 144 -5.46 10.48 7.53
CA SER A 144 -6.80 10.39 8.14
C SER A 144 -7.87 11.11 7.33
N ARG A 145 -9.11 10.68 7.55
CA ARG A 145 -10.33 11.37 7.08
C ARG A 145 -10.42 12.76 7.72
N ASP A 146 -9.66 13.03 8.79
CA ASP A 146 -9.61 14.37 9.42
C ASP A 146 -8.78 15.35 8.56
N LYS A 147 -8.33 14.93 7.38
CA LYS A 147 -7.66 15.75 6.34
C LYS A 147 -6.18 15.97 6.66
N THR A 148 -5.65 15.34 7.70
CA THR A 148 -4.24 15.53 8.12
C THR A 148 -3.41 14.26 7.91
N ILE A 149 -2.10 14.48 7.84
CA ILE A 149 -1.04 13.45 7.93
C ILE A 149 -0.29 13.71 9.23
N LYS A 150 -0.05 12.68 10.04
CA LYS A 150 0.69 12.87 11.30
C LYS A 150 1.96 12.01 11.28
N MET A 151 2.99 12.50 11.94
N MET A 151 3.02 12.49 11.91
CA MET A 151 4.26 11.79 12.19
CA MET A 151 4.28 11.75 12.14
C MET A 151 4.32 11.47 13.68
C MET A 151 4.41 11.49 13.65
N TRP A 152 4.66 10.23 14.04
CA TRP A 152 4.68 9.76 15.45
C TRP A 152 6.07 9.20 15.75
N GLU A 153 6.59 9.44 16.94
CA GLU A 153 7.80 8.75 17.43
C GLU A 153 7.41 7.33 17.82
N VAL A 154 8.13 6.34 17.29
CA VAL A 154 7.88 4.89 17.57
C VAL A 154 8.04 4.66 19.09
N GLN A 155 9.08 5.23 19.69
CA GLN A 155 9.52 4.95 21.09
C GLN A 155 8.50 5.49 22.10
N THR A 156 7.87 6.65 21.84
CA THR A 156 7.02 7.39 22.82
C THR A 156 5.54 7.39 22.41
N GLY A 157 5.22 7.27 21.11
CA GLY A 157 3.85 7.43 20.60
C GLY A 157 3.44 8.88 20.50
N TYR A 158 4.37 9.82 20.69
CA TYR A 158 4.07 11.27 20.64
C TYR A 158 4.00 11.71 19.17
N CYS A 159 2.97 12.48 18.85
CA CYS A 159 2.81 13.16 17.54
C CYS A 159 3.78 14.34 17.49
N VAL A 160 4.80 14.28 16.63
CA VAL A 160 5.89 15.29 16.54
C VAL A 160 5.65 16.22 15.34
N LYS A 161 4.73 15.88 14.44
CA LYS A 161 4.49 16.63 13.17
C LYS A 161 3.06 16.39 12.68
N THR A 162 2.38 17.44 12.21
CA THR A 162 1.09 17.36 11.49
C THR A 162 1.23 18.11 10.17
N PHE A 163 1.01 17.44 9.05
CA PHE A 163 1.08 18.02 7.68
C PHE A 163 -0.35 18.37 7.26
N THR A 164 -0.62 19.66 7.12
CA THR A 164 -1.95 20.18 6.73
C THR A 164 -1.84 20.75 5.32
N GLY A 165 -2.90 20.62 4.53
CA GLY A 165 -2.97 21.23 3.20
C GLY A 165 -3.92 20.48 2.28
N HIS A 166 -4.08 19.17 2.46
CA HIS A 166 -5.15 18.46 1.72
C HIS A 166 -6.49 19.09 2.11
N ARG A 167 -7.40 19.17 1.16
CA ARG A 167 -8.72 19.83 1.34
C ARG A 167 -9.78 18.80 1.75
N GLU A 168 -9.51 17.50 1.62
CA GLU A 168 -10.43 16.42 2.02
C GLU A 168 -9.61 15.25 2.60
N TRP A 169 -10.32 14.28 3.14
CA TRP A 169 -9.88 12.92 3.51
C TRP A 169 -8.57 12.53 2.78
N VAL A 170 -7.53 12.24 3.56
CA VAL A 170 -6.24 11.70 3.05
C VAL A 170 -6.32 10.17 3.15
N ARG A 171 -6.27 9.50 2.01
CA ARG A 171 -6.58 8.05 1.88
C ARG A 171 -5.32 7.19 2.00
N MET A 172 -4.15 7.71 1.64
CA MET A 172 -2.93 6.88 1.67
C MET A 172 -1.72 7.79 1.83
N VAL A 173 -0.72 7.34 2.58
CA VAL A 173 0.55 8.07 2.72
C VAL A 173 1.69 7.05 2.66
N ARG A 174 2.75 7.38 1.93
CA ARG A 174 3.87 6.43 1.72
C ARG A 174 5.18 7.20 1.66
N PRO A 175 6.19 6.79 2.44
CA PRO A 175 7.52 7.40 2.34
C PRO A 175 8.29 6.88 1.12
N ASN A 176 9.20 7.70 0.61
CA ASN A 176 10.16 7.27 -0.43
C ASN A 176 11.25 6.43 0.26
N GLN A 177 12.19 5.93 -0.52
CA GLN A 177 13.10 4.86 -0.05
C GLN A 177 13.97 5.32 1.13
N ASP A 178 14.41 6.58 1.17
CA ASP A 178 15.29 7.06 2.26
C ASP A 178 14.48 7.86 3.29
N GLY A 179 13.16 7.98 3.11
CA GLY A 179 12.25 8.63 4.08
C GLY A 179 12.36 10.16 4.07
N THR A 180 13.00 10.76 3.08
CA THR A 180 13.11 12.24 3.00
C THR A 180 11.81 12.85 2.49
N LEU A 181 11.03 12.09 1.70
CA LEU A 181 9.74 12.56 1.14
C LEU A 181 8.62 11.61 1.59
N ILE A 182 7.42 12.16 1.73
CA ILE A 182 6.18 11.34 1.76
C ILE A 182 5.28 11.77 0.62
N ALA A 183 4.56 10.82 0.06
CA ALA A 183 3.51 11.07 -0.94
C ALA A 183 2.17 10.72 -0.31
N SER A 184 1.15 11.49 -0.61
CA SER A 184 -0.20 11.25 -0.07
C SER A 184 -1.22 11.45 -1.17
N CYS A 185 -2.39 10.88 -1.02
CA CYS A 185 -3.48 11.11 -1.98
C CYS A 185 -4.80 11.25 -1.25
N SER A 186 -5.76 11.88 -1.89
CA SER A 186 -6.94 12.41 -1.18
C SER A 186 -8.21 12.39 -2.03
N ASN A 187 -9.35 12.44 -1.32
CA ASN A 187 -10.67 12.76 -1.92
C ASN A 187 -10.64 14.13 -2.59
N ASP A 188 -9.68 15.01 -2.28
CA ASP A 188 -9.56 16.35 -2.94
C ASP A 188 -9.00 16.20 -4.36
N GLN A 189 -8.81 14.97 -4.85
CA GLN A 189 -8.47 14.62 -6.26
C GLN A 189 -6.99 14.92 -6.56
N THR A 190 -6.16 15.06 -5.54
CA THR A 190 -4.73 15.38 -5.73
C THR A 190 -3.86 14.30 -5.09
N VAL A 191 -2.63 14.25 -5.59
CA VAL A 191 -1.46 13.63 -4.94
C VAL A 191 -0.57 14.76 -4.46
N ARG A 192 -0.15 14.71 -3.21
CA ARG A 192 0.85 15.68 -2.70
C ARG A 192 2.15 14.94 -2.40
N VAL A 193 3.26 15.62 -2.65
CA VAL A 193 4.59 15.16 -2.16
C VAL A 193 5.09 16.20 -1.18
N TRP A 194 5.50 15.75 0.00
CA TRP A 194 5.94 16.64 1.09
C TRP A 194 7.38 16.30 1.44
N VAL A 195 8.17 17.32 1.77
CA VAL A 195 9.52 17.13 2.36
C VAL A 195 9.31 16.90 3.85
N VAL A 196 9.73 15.75 4.36
CA VAL A 196 9.49 15.35 5.78
C VAL A 196 10.14 16.37 6.71
N ALA A 197 11.38 16.81 6.44
CA ALA A 197 12.17 17.66 7.35
C ALA A 197 11.52 19.05 7.51
N THR A 198 10.94 19.61 6.44
CA THR A 198 10.48 21.03 6.41
C THR A 198 8.94 21.11 6.40
N LYS A 199 8.25 19.99 6.10
CA LYS A 199 6.78 19.91 5.87
C LYS A 199 6.38 20.65 4.59
N GLU A 200 7.31 21.15 3.79
CA GLU A 200 6.91 21.88 2.57
C GLU A 200 6.24 20.90 1.60
N CYS A 201 5.26 21.40 0.87
CA CYS A 201 4.61 20.67 -0.24
C CYS A 201 5.45 20.87 -1.50
N LYS A 202 6.24 19.85 -1.84
CA LYS A 202 7.13 19.82 -3.03
C LYS A 202 6.31 19.81 -4.32
N ALA A 203 5.21 19.05 -4.36
CA ALA A 203 4.39 18.90 -5.58
C ALA A 203 2.93 18.67 -5.19
N GLU A 204 2.01 19.26 -5.95
CA GLU A 204 0.56 18.97 -5.91
C GLU A 204 0.19 18.53 -7.31
N LEU A 205 -0.11 17.25 -7.50
CA LEU A 205 -0.34 16.61 -8.81
C LEU A 205 -1.85 16.47 -9.03
N ARG A 206 -2.43 17.15 -10.02
CA ARG A 206 -3.88 17.48 -10.05
C ARG A 206 -4.67 16.83 -11.21
N GLU A 207 -4.03 16.02 -12.05
CA GLU A 207 -4.59 15.60 -13.37
C GLU A 207 -5.75 14.60 -13.22
N HIS A 208 -5.79 13.77 -12.17
CA HIS A 208 -6.99 12.92 -11.92
C HIS A 208 -8.15 13.88 -11.61
N GLU A 209 -9.28 13.73 -12.27
CA GLU A 209 -10.48 14.57 -11.98
C GLU A 209 -11.44 13.72 -11.15
N HIS A 210 -10.91 13.00 -10.18
CA HIS A 210 -11.69 12.10 -9.30
C HIS A 210 -10.85 11.82 -8.06
N VAL A 211 -11.47 11.21 -7.06
CA VAL A 211 -10.77 10.75 -5.83
C VAL A 211 -9.55 9.91 -6.24
N VAL A 212 -8.42 10.16 -5.58
CA VAL A 212 -7.21 9.32 -5.76
C VAL A 212 -7.13 8.36 -4.58
N GLU A 213 -7.07 7.06 -4.87
CA GLU A 213 -7.19 5.98 -3.87
C GLU A 213 -5.82 5.55 -3.37
N CYS A 214 -4.82 5.51 -4.25
CA CYS A 214 -3.55 4.82 -3.93
C CYS A 214 -2.38 5.48 -4.64
N ILE A 215 -1.23 5.26 -4.06
CA ILE A 215 0.08 5.76 -4.59
C ILE A 215 1.15 4.70 -4.31
N SER A 216 2.24 4.78 -5.05
CA SER A 216 3.43 3.92 -4.85
C SER A 216 4.64 4.60 -5.46
N TRP A 217 5.76 4.57 -4.76
CA TRP A 217 7.03 5.12 -5.27
C TRP A 217 7.69 4.12 -6.22
N ALA A 218 8.32 4.65 -7.26
CA ALA A 218 9.12 3.81 -8.19
C ALA A 218 10.41 3.39 -7.53
N PRO A 219 10.80 2.11 -7.60
CA PRO A 219 12.11 1.67 -7.13
C PRO A 219 13.21 2.08 -8.12
N GLU A 220 14.45 2.14 -7.64
CA GLU A 220 15.61 2.51 -8.49
C GLU A 220 15.73 1.53 -9.68
N SER A 221 15.34 0.27 -9.50
CA SER A 221 15.39 -0.78 -10.56
C SER A 221 14.50 -0.42 -11.75
N SER A 222 13.55 0.51 -11.59
CA SER A 222 12.60 0.93 -12.66
C SER A 222 13.16 2.11 -13.48
N TYR A 223 14.18 2.80 -12.98
CA TYR A 223 14.59 4.14 -13.51
C TYR A 223 14.99 4.02 -14.99
N SER A 224 15.75 3.00 -15.36
CA SER A 224 16.22 2.83 -16.76
C SER A 224 15.03 2.50 -17.66
N SER A 225 14.09 1.67 -17.19
CA SER A 225 12.86 1.30 -17.92
C SER A 225 11.98 2.54 -18.12
N ILE A 226 11.89 3.41 -17.11
CA ILE A 226 11.09 4.67 -17.19
C ILE A 226 11.76 5.61 -18.20
N SER A 227 13.10 5.68 -18.18
CA SER A 227 13.91 6.43 -19.19
C SER A 227 13.63 5.89 -20.60
N GLU A 228 13.67 4.56 -20.79
CA GLU A 228 13.40 3.87 -22.09
C GLU A 228 11.98 4.20 -22.57
N ALA A 229 11.00 4.20 -21.66
CA ALA A 229 9.57 4.41 -21.95
C ALA A 229 9.31 5.85 -22.42
N THR A 230 10.01 6.82 -21.81
CA THR A 230 9.87 8.28 -22.08
C THR A 230 10.82 8.71 -23.20
N GLY A 231 11.97 8.05 -23.34
CA GLY A 231 13.01 8.38 -24.33
C GLY A 231 13.77 9.65 -23.94
N LYS A 239 20.58 12.56 -10.60
CA LYS A 239 19.56 11.48 -10.41
C LYS A 239 18.27 11.87 -11.13
N PRO A 240 17.63 10.94 -11.88
CA PRO A 240 16.33 11.21 -12.46
C PRO A 240 15.23 11.12 -11.39
N GLY A 241 14.04 11.63 -11.71
CA GLY A 241 12.85 11.50 -10.85
C GLY A 241 13.02 12.27 -9.54
N PRO A 242 12.52 11.76 -8.40
CA PRO A 242 11.90 10.44 -8.29
C PRO A 242 10.56 10.32 -9.04
N PHE A 243 10.03 9.10 -9.10
CA PHE A 243 8.81 8.78 -9.87
C PHE A 243 7.79 8.15 -8.91
N LEU A 244 6.53 8.41 -9.22
CA LEU A 244 5.40 8.02 -8.35
C LEU A 244 4.26 7.53 -9.22
N LEU A 245 3.56 6.50 -8.75
CA LEU A 245 2.29 6.04 -9.36
C LEU A 245 1.13 6.53 -8.51
N SER A 246 0.01 6.78 -9.17
CA SER A 246 -1.28 7.03 -8.49
C SER A 246 -2.37 6.23 -9.18
N GLY A 247 -3.33 5.74 -8.40
CA GLY A 247 -4.53 5.06 -8.92
C GLY A 247 -5.77 5.76 -8.43
N SER A 248 -6.79 5.87 -9.29
CA SER A 248 -7.95 6.76 -9.02
C SER A 248 -9.28 6.07 -9.29
N ARG A 249 -10.33 6.66 -8.72
CA ARG A 249 -11.73 6.29 -9.06
C ARG A 249 -12.03 6.64 -10.52
N ASP A 250 -11.16 7.37 -11.21
CA ASP A 250 -11.30 7.60 -12.67
C ASP A 250 -10.88 6.34 -13.46
N LYS A 251 -10.49 5.26 -12.77
CA LYS A 251 -10.19 3.93 -13.34
C LYS A 251 -8.80 3.90 -13.98
N THR A 252 -7.99 4.95 -13.80
CA THR A 252 -6.66 5.02 -14.44
C THR A 252 -5.53 4.99 -13.40
N ILE A 253 -4.35 4.65 -13.89
CA ILE A 253 -3.07 4.74 -13.16
C ILE A 253 -2.26 5.81 -13.87
N LYS A 254 -1.70 6.75 -13.11
CA LYS A 254 -0.80 7.78 -13.66
C LYS A 254 0.59 7.58 -13.09
N MET A 255 1.60 7.78 -13.93
CA MET A 255 3.00 7.83 -13.53
C MET A 255 3.45 9.28 -13.58
N TRP A 256 4.14 9.73 -12.54
CA TRP A 256 4.54 11.15 -12.35
C TRP A 256 6.04 11.26 -12.19
N ASP A 257 6.61 12.33 -12.75
CA ASP A 257 7.98 12.78 -12.41
C ASP A 257 7.84 13.85 -11.33
N VAL A 258 8.24 13.53 -10.11
CA VAL A 258 8.10 14.46 -8.95
C VAL A 258 8.96 15.70 -9.16
N SER A 259 10.06 15.59 -9.91
CA SER A 259 11.03 16.70 -10.16
C SER A 259 10.44 17.74 -11.11
N THR A 260 9.48 17.37 -11.97
CA THR A 260 8.87 18.29 -12.97
C THR A 260 7.37 18.51 -12.68
N GLY A 261 6.75 17.66 -11.85
CA GLY A 261 5.30 17.71 -11.57
C GLY A 261 4.46 17.23 -12.75
N MET A 262 5.09 16.58 -13.74
CA MET A 262 4.43 16.15 -15.00
C MET A 262 3.96 14.70 -14.92
N CYS A 263 2.80 14.44 -15.50
CA CYS A 263 2.29 13.08 -15.74
C CYS A 263 2.98 12.52 -16.99
N LEU A 264 3.77 11.46 -16.82
CA LEU A 264 4.55 10.81 -17.90
C LEU A 264 3.67 9.88 -18.73
N MET A 265 2.68 9.23 -18.11
CA MET A 265 1.73 8.37 -18.85
C MET A 265 0.51 8.06 -17.99
N THR A 266 -0.56 7.71 -18.65
CA THR A 266 -1.84 7.27 -18.05
C THR A 266 -2.14 5.86 -18.57
N LEU A 267 -2.24 4.89 -17.67
CA LEU A 267 -2.54 3.48 -18.02
C LEU A 267 -4.04 3.24 -17.90
N VAL A 268 -4.66 2.93 -19.03
CA VAL A 268 -6.13 2.72 -19.16
C VAL A 268 -6.38 1.22 -19.35
N GLY A 269 -7.36 0.67 -18.63
CA GLY A 269 -7.76 -0.73 -18.81
C GLY A 269 -8.67 -1.20 -17.71
N HIS A 270 -8.45 -0.76 -16.47
CA HIS A 270 -9.36 -1.14 -15.36
C HIS A 270 -10.78 -0.67 -15.68
N ASP A 271 -11.77 -1.46 -15.26
CA ASP A 271 -13.20 -1.17 -15.52
C ASP A 271 -13.88 -0.58 -14.29
N ASN A 272 -13.11 -0.33 -13.22
CA ASN A 272 -13.67 0.25 -11.99
C ASN A 272 -12.51 0.83 -11.18
N TRP A 273 -12.84 1.41 -10.05
CA TRP A 273 -11.91 2.21 -9.22
C TRP A 273 -10.62 1.42 -8.96
N VAL A 274 -9.49 2.06 -9.17
CA VAL A 274 -8.18 1.44 -8.89
C VAL A 274 -7.89 1.54 -7.39
N ARG A 275 -7.53 0.44 -6.77
CA ARG A 275 -7.41 0.36 -5.28
C ARG A 275 -5.95 0.22 -4.83
N GLY A 276 -5.10 -0.43 -5.61
CA GLY A 276 -3.70 -0.64 -5.24
C GLY A 276 -2.84 -0.60 -6.48
N VAL A 277 -1.62 -0.06 -6.36
CA VAL A 277 -0.65 -0.02 -7.46
C VAL A 277 0.73 -0.26 -6.86
N LEU A 278 1.61 -0.87 -7.63
CA LEU A 278 3.04 -0.97 -7.26
C LEU A 278 3.85 -1.36 -8.48
N PHE A 279 5.15 -1.24 -8.37
CA PHE A 279 6.10 -1.80 -9.36
C PHE A 279 6.50 -3.22 -8.95
N HIS A 280 6.64 -4.09 -9.95
CA HIS A 280 7.48 -5.31 -9.85
C HIS A 280 8.83 -4.90 -9.25
N SER A 281 9.38 -5.66 -8.30
CA SER A 281 10.68 -5.34 -7.65
C SER A 281 11.80 -5.29 -8.70
N GLY A 282 11.67 -6.02 -9.81
CA GLY A 282 12.63 -6.02 -10.94
C GLY A 282 12.55 -4.72 -11.75
N GLY A 283 11.47 -3.96 -11.62
CA GLY A 283 11.34 -2.60 -12.16
C GLY A 283 10.68 -2.53 -13.53
N LYS A 284 10.40 -3.66 -14.18
CA LYS A 284 10.03 -3.71 -15.63
C LYS A 284 8.51 -3.74 -15.82
N PHE A 285 7.74 -3.97 -14.76
CA PHE A 285 6.27 -4.08 -14.83
C PHE A 285 5.65 -3.31 -13.68
N ILE A 286 4.40 -2.91 -13.89
CA ILE A 286 3.54 -2.35 -12.82
C ILE A 286 2.43 -3.38 -12.58
N LEU A 287 2.03 -3.55 -11.32
CA LEU A 287 0.86 -4.39 -10.99
C LEU A 287 -0.18 -3.52 -10.27
N SER A 288 -1.43 -3.82 -10.48
CA SER A 288 -2.54 -3.04 -9.89
C SER A 288 -3.71 -3.95 -9.57
N CYS A 289 -4.60 -3.48 -8.73
CA CYS A 289 -5.84 -4.19 -8.43
C CYS A 289 -6.97 -3.19 -8.29
N ALA A 290 -8.21 -3.64 -8.49
CA ALA A 290 -9.32 -2.69 -8.60
C ALA A 290 -10.65 -3.31 -8.19
N ASP A 291 -11.64 -2.44 -8.14
CA ASP A 291 -13.04 -2.80 -7.84
C ASP A 291 -13.67 -3.53 -9.03
N ASP A 292 -12.93 -3.78 -10.12
CA ASP A 292 -13.43 -4.63 -11.23
C ASP A 292 -13.09 -6.10 -10.96
N LYS A 293 -12.58 -6.43 -9.76
CA LYS A 293 -12.29 -7.81 -9.29
C LYS A 293 -11.00 -8.35 -9.92
N THR A 294 -10.22 -7.49 -10.58
CA THR A 294 -9.00 -7.95 -11.28
C THR A 294 -7.70 -7.53 -10.58
N LEU A 295 -6.69 -8.34 -10.84
CA LEU A 295 -5.24 -8.04 -10.66
C LEU A 295 -4.67 -7.90 -12.06
N ARG A 296 -4.02 -6.77 -12.38
CA ARG A 296 -3.46 -6.57 -13.74
CA ARG A 296 -3.47 -6.51 -13.74
C ARG A 296 -1.95 -6.37 -13.67
N VAL A 297 -1.29 -6.83 -14.72
CA VAL A 297 0.16 -6.67 -14.96
C VAL A 297 0.29 -5.74 -16.15
N TRP A 298 1.00 -4.64 -15.97
CA TRP A 298 1.18 -3.60 -17.00
C TRP A 298 2.61 -3.63 -17.53
N ASP A 299 2.73 -3.74 -18.85
CA ASP A 299 3.98 -3.55 -19.60
C ASP A 299 4.02 -2.07 -19.93
N TYR A 300 4.53 -1.24 -19.01
CA TYR A 300 4.33 0.23 -19.09
C TYR A 300 5.23 0.84 -20.19
N LYS A 301 6.32 0.18 -20.58
CA LYS A 301 7.12 0.65 -21.77
C LYS A 301 6.22 0.64 -23.01
N ASN A 302 5.30 -0.32 -23.09
CA ASN A 302 4.31 -0.46 -24.18
C ASN A 302 2.99 0.21 -23.81
N LYS A 303 2.93 0.88 -22.64
CA LYS A 303 1.76 1.63 -22.12
C LYS A 303 0.52 0.75 -22.28
N ARG A 304 0.60 -0.52 -21.92
CA ARG A 304 -0.53 -1.45 -22.12
C ARG A 304 -0.62 -2.46 -20.99
N CYS A 305 -1.82 -2.98 -20.81
CA CYS A 305 -2.12 -4.09 -19.90
C CYS A 305 -1.70 -5.39 -20.57
N MET A 306 -0.72 -6.09 -20.00
CA MET A 306 -0.16 -7.33 -20.57
C MET A 306 -0.94 -8.55 -20.10
N LYS A 307 -1.44 -8.56 -18.86
CA LYS A 307 -2.22 -9.71 -18.30
CA LYS A 307 -2.21 -9.71 -18.31
C LYS A 307 -3.32 -9.18 -17.37
N THR A 308 -4.51 -9.73 -17.49
CA THR A 308 -5.63 -9.52 -16.54
C THR A 308 -5.92 -10.85 -15.85
N LEU A 309 -5.81 -10.89 -14.53
CA LEU A 309 -6.21 -12.05 -13.72
C LEU A 309 -7.58 -11.77 -13.11
N ASN A 310 -8.52 -12.70 -13.27
CA ASN A 310 -9.83 -12.66 -12.59
C ASN A 310 -9.59 -13.11 -11.15
N ALA A 311 -9.27 -12.17 -10.27
CA ALA A 311 -8.56 -12.49 -9.02
C ALA A 311 -9.56 -12.89 -7.92
N HIS A 312 -10.68 -12.20 -7.82
CA HIS A 312 -11.61 -12.36 -6.68
C HIS A 312 -13.06 -12.31 -7.15
N GLU A 313 -13.95 -12.69 -6.24
CA GLU A 313 -15.42 -12.69 -6.46
CA GLU A 313 -15.42 -12.69 -6.48
C GLU A 313 -15.99 -11.31 -6.09
N HIS A 314 -15.16 -10.42 -5.59
CA HIS A 314 -15.58 -9.05 -5.20
C HIS A 314 -14.37 -8.13 -5.38
N PHE A 315 -14.50 -6.88 -4.99
CA PHE A 315 -13.44 -5.87 -5.19
C PHE A 315 -12.12 -6.39 -4.64
N VAL A 316 -11.04 -6.10 -5.38
CA VAL A 316 -9.66 -6.36 -4.90
C VAL A 316 -9.17 -5.06 -4.26
N THR A 317 -9.03 -5.07 -2.95
CA THR A 317 -8.75 -3.85 -2.15
C THR A 317 -7.26 -3.56 -2.06
N SER A 318 -6.41 -4.55 -2.29
CA SER A 318 -4.99 -4.45 -1.88
CA SER A 318 -4.99 -4.44 -1.89
C SER A 318 -4.16 -5.53 -2.55
N LEU A 319 -2.89 -5.23 -2.77
CA LEU A 319 -1.92 -6.23 -3.28
C LEU A 319 -0.55 -5.95 -2.69
N ASP A 320 0.30 -6.97 -2.67
CA ASP A 320 1.73 -6.79 -2.41
C ASP A 320 2.51 -7.75 -3.31
N PHE A 321 3.76 -7.40 -3.55
CA PHE A 321 4.68 -8.13 -4.45
C PHE A 321 5.93 -8.43 -3.64
N HIS A 322 6.29 -9.69 -3.46
CA HIS A 322 7.48 -10.02 -2.64
C HIS A 322 8.72 -9.49 -3.36
N LYS A 323 9.69 -8.94 -2.63
N LYS A 323 9.68 -8.97 -2.59
CA LYS A 323 10.90 -8.32 -3.26
CA LYS A 323 10.93 -8.33 -3.11
C LYS A 323 11.73 -9.40 -3.98
C LYS A 323 11.79 -9.35 -3.88
N THR A 324 11.83 -10.60 -3.42
CA THR A 324 12.76 -11.64 -3.95
C THR A 324 12.07 -12.97 -4.26
N ALA A 325 10.99 -13.32 -3.58
CA ALA A 325 10.30 -14.62 -3.77
C ALA A 325 9.23 -14.45 -4.84
N PRO A 326 8.91 -15.54 -5.58
CA PRO A 326 7.97 -15.46 -6.70
C PRO A 326 6.49 -15.48 -6.27
N TYR A 327 6.08 -14.50 -5.46
CA TYR A 327 4.72 -14.42 -4.89
C TYR A 327 4.16 -13.00 -4.94
N VAL A 328 2.87 -12.95 -5.29
CA VAL A 328 1.99 -11.77 -5.12
C VAL A 328 0.88 -12.18 -4.16
N VAL A 329 0.46 -11.26 -3.31
N VAL A 329 0.45 -11.26 -3.32
CA VAL A 329 -0.75 -11.47 -2.46
CA VAL A 329 -0.74 -11.46 -2.45
C VAL A 329 -1.79 -10.40 -2.80
C VAL A 329 -1.78 -10.41 -2.81
N THR A 330 -3.06 -10.78 -2.75
CA THR A 330 -4.20 -9.86 -2.91
C THR A 330 -5.17 -10.06 -1.75
N GLY A 331 -5.87 -8.98 -1.41
CA GLY A 331 -6.96 -9.01 -0.44
C GLY A 331 -8.23 -8.49 -1.08
N SER A 332 -9.38 -8.91 -0.56
CA SER A 332 -10.65 -8.60 -1.24
C SER A 332 -11.80 -8.38 -0.25
N VAL A 333 -12.81 -7.68 -0.74
CA VAL A 333 -14.15 -7.59 -0.11
C VAL A 333 -14.75 -8.99 -0.01
N ASP A 334 -14.31 -9.98 -0.79
CA ASP A 334 -14.80 -11.36 -0.66
C ASP A 334 -14.26 -12.04 0.61
N GLN A 335 -13.47 -11.32 1.42
CA GLN A 335 -13.01 -11.69 2.78
C GLN A 335 -11.86 -12.71 2.71
N THR A 336 -11.29 -12.93 1.54
CA THR A 336 -10.15 -13.87 1.36
C THR A 336 -8.86 -13.10 1.09
N VAL A 337 -7.76 -13.78 1.40
CA VAL A 337 -6.39 -13.40 1.01
C VAL A 337 -5.98 -14.44 -0.02
N LYS A 338 -5.48 -14.04 -1.18
CA LYS A 338 -4.98 -15.00 -2.18
C LYS A 338 -3.49 -14.82 -2.38
N VAL A 339 -2.82 -15.94 -2.53
CA VAL A 339 -1.37 -16.02 -2.85
C VAL A 339 -1.27 -16.49 -4.29
N TRP A 340 -0.58 -15.72 -5.12
CA TRP A 340 -0.37 -16.01 -6.56
C TRP A 340 1.09 -16.37 -6.79
N GLU A 341 1.33 -17.53 -7.38
CA GLU A 341 2.71 -17.92 -7.78
CA GLU A 341 2.68 -17.97 -7.83
C GLU A 341 3.06 -17.15 -9.07
N CYS A 342 4.29 -16.67 -9.13
CA CYS A 342 4.82 -15.93 -10.30
C CYS A 342 5.79 -16.81 -11.08
N ARG A 343 5.70 -16.74 -12.41
CA ARG A 343 6.58 -17.51 -13.33
C ARG A 343 6.88 -16.62 -14.53
C1 GOL B . 8.69 -8.62 1.07
O1 GOL B . 9.80 -8.66 0.18
C2 GOL B . 8.40 -7.21 1.52
O2 GOL B . 8.11 -6.39 0.39
C3 GOL B . 9.53 -6.61 2.31
O3 GOL B . 9.77 -5.25 1.95
UNK UNX C . 7.38 -16.76 11.62
UNK UNX D . -13.28 14.89 6.19
UNK UNX E . 12.47 7.43 11.02
UNK UNX F . 13.06 7.30 7.93
#